data_1QNU
#
_entry.id   1QNU
#
_cell.length_a   104.470
_cell.length_b   71.610
_cell.length_c   56.360
_cell.angle_alpha   90.00
_cell.angle_beta   109.02
_cell.angle_gamma   90.00
#
_symmetry.space_group_name_H-M   'C 1 2 1'
#
loop_
_entity.id
_entity.type
_entity.pdbx_description
1 polymer 'Shiga toxin 1 variant B subunit'
2 branched beta-D-galactopyranose-(1-4)-beta-D-galactopyranose-(1-4)-alpha-D-glucopyranose
3 non-polymer 'METHYL-CARBAMIC ACID ETHYL ESTER'
4 non-polymer 'ETHYL-CARBAMIC ACID METHYL ESTER'
5 water water
#
_entity_poly.entity_id   1
_entity_poly.type   'polypeptide(L)'
_entity_poly.pdbx_seq_one_letter_code
;TPDCVTGKVEYTKYNDDDTFTVKVGDKELFTNRWNLQSLLLSAQITGMTVTIKTNACHNGGGFSEVIFR
;
_entity_poly.pdbx_strand_id   A,B,C,D,E
#
# COMPACT_ATOMS: atom_id res chain seq x y z
N THR A 1 -18.64 -18.56 11.47
CA THR A 1 -17.60 -19.50 10.93
C THR A 1 -16.63 -19.84 12.05
N PRO A 2 -16.31 -21.13 12.24
CA PRO A 2 -15.39 -21.53 13.31
C PRO A 2 -13.92 -21.17 13.06
N ASP A 3 -13.21 -20.94 14.16
CA ASP A 3 -11.79 -20.63 14.07
C ASP A 3 -11.11 -21.87 13.52
N CYS A 4 -10.07 -21.67 12.72
CA CYS A 4 -9.33 -22.79 12.16
C CYS A 4 -7.93 -22.78 12.79
N VAL A 5 -7.19 -21.68 12.60
CA VAL A 5 -5.85 -21.55 13.17
C VAL A 5 -5.61 -20.12 13.62
N THR A 6 -4.78 -19.98 14.65
CA THR A 6 -4.39 -18.68 15.19
C THR A 6 -2.89 -18.71 15.33
N GLY A 7 -2.22 -17.63 14.95
CA GLY A 7 -0.78 -17.59 15.07
C GLY A 7 -0.14 -16.53 14.18
N LYS A 8 1.18 -16.53 14.12
CA LYS A 8 1.89 -15.58 13.26
C LYS A 8 2.00 -16.18 11.86
N VAL A 9 2.09 -15.33 10.84
CA VAL A 9 2.22 -15.82 9.48
C VAL A 9 3.64 -16.36 9.26
N GLU A 10 3.75 -17.64 8.94
CA GLU A 10 5.06 -18.26 8.71
C GLU A 10 5.58 -17.91 7.30
N TYR A 11 4.71 -17.96 6.29
CA TYR A 11 5.11 -17.54 4.95
C TYR A 11 3.86 -17.32 4.15
N THR A 12 4.00 -16.63 3.02
CA THR A 12 2.88 -16.40 2.11
C THR A 12 3.36 -16.75 0.71
N LYS A 13 2.43 -17.02 -0.20
CA LYS A 13 2.81 -17.40 -1.55
C LYS A 13 1.80 -16.88 -2.58
N TYR A 14 2.30 -16.28 -3.64
CA TYR A 14 1.43 -15.81 -4.72
C TYR A 14 1.36 -17.01 -5.69
N ASN A 15 0.15 -17.40 -6.07
CA ASN A 15 -0.05 -18.55 -6.96
C ASN A 15 -0.26 -18.18 -8.42
N ASP A 16 -0.05 -19.15 -9.29
CA ASP A 16 -0.18 -18.93 -10.73
C ASP A 16 -1.58 -18.51 -11.17
N ASP A 17 -2.59 -18.91 -10.39
CA ASP A 17 -3.98 -18.56 -10.71
C ASP A 17 -4.43 -17.26 -10.01
N ASP A 18 -3.45 -16.54 -9.48
CA ASP A 18 -3.68 -15.27 -8.78
C ASP A 18 -4.33 -15.39 -7.39
N THR A 19 -4.34 -16.59 -6.81
CA THR A 19 -4.86 -16.76 -5.46
C THR A 19 -3.63 -16.57 -4.58
N PHE A 20 -3.84 -16.52 -3.27
CA PHE A 20 -2.75 -16.26 -2.33
C PHE A 20 -2.80 -17.34 -1.24
N THR A 21 -1.65 -17.93 -0.95
CA THR A 21 -1.57 -18.97 0.07
C THR A 21 -0.86 -18.44 1.30
N VAL A 22 -1.31 -18.88 2.48
CA VAL A 22 -0.69 -18.46 3.71
C VAL A 22 -0.48 -19.67 4.62
N LYS A 23 0.64 -19.67 5.34
CA LYS A 23 0.93 -20.74 6.28
C LYS A 23 0.89 -20.13 7.69
N VAL A 24 -0.09 -20.56 8.49
CA VAL A 24 -0.27 -20.10 9.86
C VAL A 24 -0.43 -21.37 10.71
N GLY A 25 0.34 -21.46 11.80
CA GLY A 25 0.26 -22.65 12.62
C GLY A 25 0.70 -23.86 11.82
N ASP A 26 -0.12 -24.91 11.81
CA ASP A 26 0.23 -26.11 11.06
C ASP A 26 -0.60 -26.29 9.78
N LYS A 27 -1.22 -25.19 9.32
CA LYS A 27 -2.06 -25.25 8.12
C LYS A 27 -1.64 -24.30 7.00
N GLU A 28 -1.73 -24.80 5.78
CA GLU A 28 -1.43 -24.02 4.58
C GLU A 28 -2.82 -23.81 3.95
N LEU A 29 -3.28 -22.57 3.89
CA LEU A 29 -4.60 -22.25 3.36
C LEU A 29 -4.52 -21.19 2.25
N PHE A 30 -5.52 -21.11 1.38
CA PHE A 30 -5.49 -20.13 0.33
C PHE A 30 -6.76 -19.29 0.31
N THR A 31 -6.68 -18.10 -0.30
CA THR A 31 -7.83 -17.23 -0.44
C THR A 31 -7.82 -16.62 -1.85
N ASN A 32 -9.02 -16.43 -2.39
CA ASN A 32 -9.17 -15.85 -3.72
C ASN A 32 -9.57 -14.38 -3.64
N ARG A 33 -9.55 -13.78 -2.44
CA ARG A 33 -9.91 -12.38 -2.29
C ARG A 33 -8.67 -11.52 -2.53
N TRP A 34 -8.69 -10.75 -3.62
CA TRP A 34 -7.54 -9.91 -3.97
C TRP A 34 -7.12 -8.92 -2.90
N ASN A 35 -8.07 -8.29 -2.23
CA ASN A 35 -7.77 -7.33 -1.17
C ASN A 35 -6.92 -7.93 -0.07
N LEU A 36 -7.15 -9.18 0.27
CA LEU A 36 -6.39 -9.81 1.35
C LEU A 36 -4.90 -10.02 1.10
N GLN A 37 -4.48 -9.95 -0.17
CA GLN A 37 -3.05 -10.17 -0.48
C GLN A 37 -2.13 -9.17 0.20
N SER A 38 -2.41 -7.86 0.12
CA SER A 38 -1.53 -6.90 0.77
C SER A 38 -1.74 -6.84 2.27
N LEU A 39 -2.96 -7.11 2.72
CA LEU A 39 -3.25 -7.07 4.15
C LEU A 39 -2.47 -8.19 4.88
N LEU A 40 -2.48 -9.40 4.31
CA LEU A 40 -1.75 -10.53 4.90
C LEU A 40 -0.24 -10.35 4.83
N LEU A 41 0.28 -9.77 3.75
CA LEU A 41 1.72 -9.56 3.69
C LEU A 41 2.12 -8.52 4.76
N SER A 42 1.28 -7.50 4.95
CA SER A 42 1.55 -6.48 5.98
C SER A 42 1.53 -7.14 7.37
N ALA A 43 0.64 -8.10 7.60
CA ALA A 43 0.56 -8.76 8.91
C ALA A 43 1.81 -9.61 9.08
N GLN A 44 2.30 -10.19 7.99
CA GLN A 44 3.52 -11.01 8.04
C GLN A 44 4.71 -10.15 8.41
N ILE A 45 4.83 -9.02 7.71
CA ILE A 45 5.92 -8.07 7.91
C ILE A 45 5.96 -7.41 9.31
N THR A 46 4.80 -7.23 9.93
CA THR A 46 4.76 -6.58 11.24
C THR A 46 4.53 -7.55 12.42
N GLY A 47 4.70 -8.84 12.17
CA GLY A 47 4.52 -9.82 13.22
C GLY A 47 3.17 -9.86 13.92
N MET A 48 2.08 -9.57 13.18
CA MET A 48 0.75 -9.60 13.77
C MET A 48 0.30 -11.03 14.04
N THR A 49 -0.64 -11.18 14.96
CA THR A 49 -1.20 -12.49 15.24
C THR A 49 -2.52 -12.55 14.47
N VAL A 50 -2.70 -13.58 13.64
CA VAL A 50 -3.93 -13.64 12.90
C VAL A 50 -4.72 -14.91 13.20
N THR A 51 -6.04 -14.80 13.09
CA THR A 51 -6.90 -15.93 13.29
C THR A 51 -7.64 -16.08 11.97
N ILE A 52 -7.53 -17.25 11.36
CA ILE A 52 -8.25 -17.52 10.13
C ILE A 52 -9.47 -18.40 10.47
N LYS A 53 -10.64 -17.97 10.02
CA LYS A 53 -11.87 -18.71 10.24
C LYS A 53 -12.35 -19.34 8.94
N THR A 54 -12.52 -20.66 8.94
CA THR A 54 -13.00 -21.36 7.76
C THR A 54 -13.50 -22.77 8.11
N ASN A 55 -14.48 -23.27 7.36
CA ASN A 55 -15.02 -24.61 7.55
C ASN A 55 -14.13 -25.64 6.85
N ALA A 56 -13.28 -25.16 5.93
CA ALA A 56 -12.37 -26.04 5.21
C ALA A 56 -11.03 -25.97 5.92
N CYS A 57 -11.04 -26.35 7.18
CA CYS A 57 -9.85 -26.29 8.00
C CYS A 57 -8.90 -27.47 7.82
N HIS A 58 -8.23 -27.50 6.67
CA HIS A 58 -7.28 -28.56 6.34
C HIS A 58 -6.34 -27.97 5.29
N ASN A 59 -5.16 -28.57 5.13
CA ASN A 59 -4.20 -28.11 4.14
C ASN A 59 -4.85 -28.00 2.77
N GLY A 60 -4.63 -26.86 2.12
CA GLY A 60 -5.24 -26.66 0.81
C GLY A 60 -6.63 -26.05 0.87
N GLY A 61 -7.23 -25.97 2.06
CA GLY A 61 -8.56 -25.38 2.20
C GLY A 61 -8.59 -23.89 1.94
N GLY A 62 -9.73 -23.36 1.54
CA GLY A 62 -9.81 -21.93 1.27
C GLY A 62 -10.43 -21.16 2.42
N PHE A 63 -10.25 -19.85 2.42
CA PHE A 63 -10.83 -19.00 3.45
C PHE A 63 -11.05 -17.59 2.91
N SER A 64 -11.85 -16.82 3.62
CA SER A 64 -12.08 -15.43 3.29
C SER A 64 -12.09 -14.59 4.57
N GLU A 65 -12.27 -15.23 5.73
CA GLU A 65 -12.34 -14.50 7.00
C GLU A 65 -11.09 -14.56 7.83
N VAL A 66 -10.57 -13.39 8.15
CA VAL A 66 -9.36 -13.26 8.95
C VAL A 66 -9.47 -12.16 9.99
N ILE A 67 -8.97 -12.42 11.19
CA ILE A 67 -8.95 -11.41 12.25
C ILE A 67 -7.48 -11.01 12.43
N PHE A 68 -7.22 -9.71 12.43
CA PHE A 68 -5.85 -9.22 12.59
C PHE A 68 -5.69 -8.59 13.98
N ARG A 69 -4.80 -9.14 14.80
CA ARG A 69 -4.57 -8.59 16.14
C ARG A 69 -3.11 -8.14 16.24
N THR B 1 -22.13 14.34 11.27
CA THR B 1 -22.33 13.00 11.88
C THR B 1 -21.68 13.02 13.25
N PRO B 2 -22.38 12.52 14.29
CA PRO B 2 -21.82 12.49 15.64
C PRO B 2 -20.71 11.47 15.87
N ASP B 3 -19.81 11.80 16.79
CA ASP B 3 -18.73 10.89 17.14
C ASP B 3 -19.38 9.68 17.77
N CYS B 4 -18.79 8.51 17.54
CA CYS B 4 -19.30 7.29 18.13
C CYS B 4 -18.27 6.78 19.12
N VAL B 5 -17.06 6.50 18.64
CA VAL B 5 -15.97 6.03 19.51
C VAL B 5 -14.65 6.62 19.05
N THR B 6 -13.76 6.82 20.02
CA THR B 6 -12.42 7.33 19.79
C THR B 6 -11.46 6.40 20.53
N GLY B 7 -10.36 6.03 19.90
CA GLY B 7 -9.40 5.17 20.56
C GLY B 7 -8.48 4.49 19.57
N LYS B 8 -7.69 3.55 20.06
CA LYS B 8 -6.77 2.80 19.20
C LYS B 8 -7.50 1.58 18.64
N VAL B 9 -7.09 1.10 17.48
CA VAL B 9 -7.74 -0.05 16.89
C VAL B 9 -7.33 -1.32 17.64
N GLU B 10 -8.32 -2.00 18.24
CA GLU B 10 -8.05 -3.21 19.00
C GLU B 10 -7.78 -4.38 18.03
N TYR B 11 -8.64 -4.54 17.02
CA TYR B 11 -8.44 -5.57 16.00
C TYR B 11 -9.29 -5.22 14.81
N THR B 12 -9.00 -5.86 13.68
CA THR B 12 -9.77 -5.65 12.45
C THR B 12 -10.11 -7.04 11.91
N LYS B 13 -11.15 -7.10 11.07
CA LYS B 13 -11.57 -8.38 10.53
C LYS B 13 -12.07 -8.26 9.09
N TYR B 14 -11.60 -9.13 8.22
CA TYR B 14 -12.08 -9.14 6.84
C TYR B 14 -13.25 -10.12 6.84
N ASN B 15 -14.40 -9.69 6.33
CA ASN B 15 -15.60 -10.51 6.32
C ASN B 15 -15.86 -11.23 5.01
N ASP B 16 -16.68 -12.28 5.08
CA ASP B 16 -16.98 -13.10 3.91
C ASP B 16 -17.66 -12.32 2.77
N ASP B 17 -18.38 -11.25 3.11
CA ASP B 17 -19.06 -10.43 2.11
C ASP B 17 -18.18 -9.27 1.64
N ASP B 18 -16.90 -9.32 1.97
CA ASP B 18 -15.93 -8.29 1.61
C ASP B 18 -16.03 -6.96 2.37
N THR B 19 -16.78 -6.94 3.46
CA THR B 19 -16.85 -5.73 4.28
C THR B 19 -15.72 -5.89 5.28
N PHE B 20 -15.46 -4.85 6.05
CA PHE B 20 -14.35 -4.85 7.00
C PHE B 20 -14.89 -4.43 8.37
N THR B 21 -14.53 -5.18 9.40
CA THR B 21 -14.96 -4.88 10.76
C THR B 21 -13.79 -4.35 11.59
N VAL B 22 -14.07 -3.38 12.45
CA VAL B 22 -13.04 -2.84 13.30
C VAL B 22 -13.56 -2.73 14.74
N LYS B 23 -12.69 -3.00 15.70
CA LYS B 23 -13.05 -2.89 17.11
C LYS B 23 -12.23 -1.71 17.69
N VAL B 24 -12.94 -0.65 18.07
CA VAL B 24 -12.34 0.54 18.66
C VAL B 24 -13.14 0.80 19.95
N GLY B 25 -12.45 1.01 21.07
CA GLY B 25 -13.15 1.24 22.32
C GLY B 25 -14.00 0.03 22.67
N ASP B 26 -15.27 0.25 22.96
CA ASP B 26 -16.15 -0.88 23.32
C ASP B 26 -17.14 -1.23 22.19
N LYS B 27 -16.85 -0.79 20.97
CA LYS B 27 -17.71 -1.07 19.82
C LYS B 27 -17.05 -1.82 18.67
N GLU B 28 -17.81 -2.74 18.09
CA GLU B 28 -17.36 -3.49 16.93
C GLU B 28 -18.25 -2.94 15.79
N LEU B 29 -17.64 -2.29 14.81
CA LEU B 29 -18.37 -1.65 13.71
C LEU B 29 -17.82 -2.12 12.36
N PHE B 30 -18.62 -2.03 11.30
CA PHE B 30 -18.16 -2.45 10.00
C PHE B 30 -18.33 -1.34 8.95
N THR B 31 -17.59 -1.45 7.86
CA THR B 31 -17.68 -0.50 6.77
C THR B 31 -17.61 -1.27 5.45
N ASN B 32 -18.36 -0.78 4.46
CA ASN B 32 -18.38 -1.40 3.14
C ASN B 32 -17.52 -0.60 2.16
N ARG B 33 -16.76 0.38 2.64
CA ARG B 33 -15.91 1.16 1.74
C ARG B 33 -14.56 0.43 1.58
N TRP B 34 -14.29 -0.04 0.37
CA TRP B 34 -13.06 -0.77 0.10
C TRP B 34 -11.78 -0.02 0.43
N ASN B 35 -11.72 1.27 0.09
CA ASN B 35 -10.54 2.08 0.37
C ASN B 35 -10.15 2.07 1.84
N LEU B 36 -11.14 2.07 2.72
CA LEU B 36 -10.84 2.08 4.17
C LEU B 36 -10.14 0.85 4.73
N GLN B 37 -10.16 -0.26 4.00
CA GLN B 37 -9.54 -1.48 4.49
C GLN B 37 -8.04 -1.34 4.74
N SER B 38 -7.27 -0.80 3.79
CA SER B 38 -5.85 -0.65 4.02
C SER B 38 -5.52 0.53 4.91
N LEU B 39 -6.36 1.56 4.88
CA LEU B 39 -6.12 2.73 5.73
C LEU B 39 -6.27 2.35 7.22
N LEU B 40 -7.31 1.57 7.55
CA LEU B 40 -7.53 1.15 8.94
C LEU B 40 -6.47 0.16 9.42
N LEU B 41 -6.04 -0.75 8.54
CA LEU B 41 -4.99 -1.68 8.97
C LEU B 41 -3.70 -0.89 9.26
N SER B 42 -3.42 0.12 8.43
CA SER B 42 -2.24 0.96 8.63
C SER B 42 -2.35 1.72 9.96
N ALA B 43 -3.55 2.16 10.31
CA ALA B 43 -3.72 2.87 11.57
C ALA B 43 -3.52 1.90 12.72
N GLN B 44 -3.95 0.65 12.53
CA GLN B 44 -3.79 -0.38 13.55
C GLN B 44 -2.31 -0.65 13.78
N ILE B 45 -1.59 -0.86 12.68
CA ILE B 45 -0.16 -1.15 12.71
C ILE B 45 0.72 -0.04 13.29
N THR B 46 0.30 1.22 13.15
CA THR B 46 1.12 2.32 13.63
C THR B 46 0.59 2.96 14.92
N GLY B 47 -0.34 2.29 15.58
CA GLY B 47 -0.88 2.81 16.83
C GLY B 47 -1.56 4.16 16.77
N MET B 48 -2.21 4.48 15.64
CA MET B 48 -2.90 5.77 15.52
C MET B 48 -4.18 5.80 16.35
N THR B 49 -4.61 7.01 16.70
CA THR B 49 -5.85 7.17 17.43
C THR B 49 -6.91 7.50 16.39
N VAL B 50 -7.99 6.75 16.35
CA VAL B 50 -9.02 7.05 15.37
C VAL B 50 -10.36 7.38 16.02
N THR B 51 -11.13 8.21 15.33
CA THR B 51 -12.45 8.58 15.77
C THR B 51 -13.38 8.15 14.66
N ILE B 52 -14.32 7.28 14.99
CA ILE B 52 -15.30 6.83 14.01
C ILE B 52 -16.61 7.59 14.27
N LYS B 53 -17.15 8.21 13.21
CA LYS B 53 -18.39 8.96 13.29
C LYS B 53 -19.51 8.19 12.59
N THR B 54 -20.58 7.90 13.32
CA THR B 54 -21.72 7.19 12.73
C THR B 54 -22.97 7.33 13.61
N ASN B 55 -24.14 7.32 12.97
CA ASN B 55 -25.42 7.39 13.69
C ASN B 55 -25.82 6.01 14.18
N ALA B 56 -25.19 4.98 13.64
CA ALA B 56 -25.46 3.61 14.03
C ALA B 56 -24.39 3.20 15.03
N CYS B 57 -24.32 3.94 16.12
CA CYS B 57 -23.32 3.71 17.15
C CYS B 57 -23.68 2.60 18.12
N HIS B 58 -23.58 1.37 17.63
CA HIS B 58 -23.87 0.17 18.42
C HIS B 58 -23.14 -0.99 17.74
N ASN B 59 -22.91 -2.07 18.48
CA ASN B 59 -22.24 -3.22 17.92
C ASN B 59 -22.94 -3.68 16.64
N GLY B 60 -22.14 -3.92 15.60
CA GLY B 60 -22.70 -4.33 14.34
C GLY B 60 -23.09 -3.17 13.43
N GLY B 61 -23.08 -1.95 13.96
CA GLY B 61 -23.44 -0.79 13.15
C GLY B 61 -22.42 -0.48 12.07
N GLY B 62 -22.84 0.19 11.00
CA GLY B 62 -21.90 0.50 9.93
C GLY B 62 -21.41 1.94 10.01
N PHE B 63 -20.34 2.23 9.29
CA PHE B 63 -19.80 3.58 9.25
C PHE B 63 -19.04 3.79 7.95
N SER B 64 -18.75 5.06 7.66
CA SER B 64 -17.97 5.42 6.48
C SER B 64 -17.02 6.56 6.86
N GLU B 65 -17.29 7.26 7.96
CA GLU B 65 -16.45 8.40 8.38
C GLU B 65 -15.49 8.09 9.49
N VAL B 66 -14.21 8.35 9.24
CA VAL B 66 -13.16 8.11 10.21
C VAL B 66 -12.12 9.25 10.20
N ILE B 67 -11.71 9.67 11.40
CA ILE B 67 -10.67 10.68 11.54
C ILE B 67 -9.41 9.94 12.03
N PHE B 68 -8.28 10.17 11.38
CA PHE B 68 -7.03 9.51 11.75
C PHE B 68 -6.09 10.54 12.38
N ARG B 69 -5.66 10.31 13.62
CA ARG B 69 -4.74 11.24 14.31
C ARG B 69 -3.49 10.48 14.74
N THR C 1 -0.04 26.82 -10.05
CA THR C 1 -0.98 26.96 -8.90
C THR C 1 -0.20 27.47 -7.70
N PRO C 2 -0.73 28.50 -6.99
CA PRO C 2 -0.03 29.04 -5.82
C PRO C 2 -0.03 28.13 -4.60
N ASP C 3 1.01 28.26 -3.77
CA ASP C 3 1.11 27.49 -2.55
C ASP C 3 -0.01 27.97 -1.65
N CYS C 4 -0.57 27.06 -0.87
CA CYS C 4 -1.64 27.43 0.05
C CYS C 4 -1.09 27.26 1.47
N VAL C 5 -0.70 26.04 1.82
CA VAL C 5 -0.13 25.77 3.14
C VAL C 5 1.00 24.75 3.03
N THR C 6 1.96 24.87 3.93
CA THR C 6 3.10 23.97 4.02
C THR C 6 3.20 23.55 5.47
N GLY C 7 3.44 22.27 5.72
CA GLY C 7 3.57 21.81 7.10
C GLY C 7 3.38 20.32 7.23
N LYS C 8 3.28 19.82 8.45
CA LYS C 8 3.08 18.41 8.69
C LYS C 8 1.58 18.15 8.74
N VAL C 9 1.16 16.94 8.39
CA VAL C 9 -0.25 16.61 8.42
C VAL C 9 -0.72 16.44 9.86
N GLU C 10 -1.67 17.27 10.27
CA GLU C 10 -2.21 17.22 11.63
C GLU C 10 -3.17 16.03 11.77
N TYR C 11 -4.09 15.90 10.82
CA TYR C 11 -4.99 14.76 10.83
C TYR C 11 -5.58 14.62 9.44
N THR C 12 -6.17 13.46 9.18
CA THR C 12 -6.83 13.20 7.90
C THR C 12 -8.21 12.63 8.21
N LYS C 13 -9.13 12.74 7.25
CA LYS C 13 -10.48 12.25 7.46
C LYS C 13 -11.09 11.66 6.20
N TYR C 14 -11.66 10.48 6.31
CA TYR C 14 -12.34 9.86 5.18
C TYR C 14 -13.79 10.35 5.29
N ASN C 15 -14.32 10.90 4.19
CA ASN C 15 -15.68 11.43 4.17
C ASN C 15 -16.73 10.50 3.62
N ASP C 16 -18.00 10.77 3.95
CA ASP C 16 -19.09 9.92 3.52
C ASP C 16 -19.26 9.85 2.00
N ASP C 17 -18.80 10.88 1.29
CA ASP C 17 -18.90 10.92 -0.17
C ASP C 17 -17.62 10.38 -0.84
N ASP C 18 -16.78 9.75 -0.04
CA ASP C 18 -15.52 9.15 -0.49
C ASP C 18 -14.41 10.15 -0.81
N THR C 19 -14.55 11.39 -0.38
CA THR C 19 -13.49 12.37 -0.60
C THR C 19 -12.63 12.25 0.66
N PHE C 20 -11.51 12.95 0.68
CA PHE C 20 -10.57 12.85 1.78
C PHE C 20 -10.20 14.24 2.24
N THR C 21 -10.26 14.48 3.54
CA THR C 21 -9.94 15.78 4.11
C THR C 21 -8.60 15.71 4.86
N VAL C 22 -7.82 16.77 4.75
CA VAL C 22 -6.54 16.83 5.43
C VAL C 22 -6.41 18.18 6.14
N LYS C 23 -5.78 18.18 7.32
CA LYS C 23 -5.55 19.41 8.06
C LYS C 23 -4.04 19.62 8.10
N VAL C 24 -3.59 20.69 7.44
CA VAL C 24 -2.18 21.06 7.38
C VAL C 24 -2.13 22.54 7.78
N GLY C 25 -1.23 22.89 8.70
CA GLY C 25 -1.17 24.28 9.13
C GLY C 25 -2.49 24.72 9.74
N ASP C 26 -3.04 25.83 9.27
CA ASP C 26 -4.31 26.31 9.81
C ASP C 26 -5.49 26.08 8.86
N LYS C 27 -5.31 25.21 7.87
CA LYS C 27 -6.36 24.94 6.89
C LYS C 27 -6.81 23.48 6.83
N GLU C 28 -8.12 23.31 6.68
CA GLU C 28 -8.71 21.98 6.51
C GLU C 28 -9.16 21.97 5.04
N LEU C 29 -8.55 21.10 4.23
CA LEU C 29 -8.86 21.03 2.79
C LEU C 29 -9.24 19.62 2.37
N PHE C 30 -9.96 19.46 1.26
CA PHE C 30 -10.35 18.13 0.81
C PHE C 30 -9.90 17.88 -0.63
N THR C 31 -9.83 16.61 -1.01
CA THR C 31 -9.48 16.23 -2.37
C THR C 31 -10.36 15.07 -2.78
N ASN C 32 -10.72 15.03 -4.06
CA ASN C 32 -11.55 13.95 -4.59
C ASN C 32 -10.69 12.96 -5.39
N ARG C 33 -9.37 13.07 -5.32
CA ARG C 33 -8.50 12.15 -6.06
C ARG C 33 -8.26 10.93 -5.18
N TRP C 34 -8.76 9.79 -5.61
CA TRP C 34 -8.63 8.56 -4.85
C TRP C 34 -7.19 8.14 -4.54
N ASN C 35 -6.29 8.30 -5.51
CA ASN C 35 -4.90 7.93 -5.32
C ASN C 35 -4.25 8.66 -4.15
N LEU C 36 -4.63 9.92 -3.95
CA LEU C 36 -4.03 10.69 -2.86
C LEU C 36 -4.36 10.24 -1.43
N GLN C 37 -5.37 9.39 -1.28
CA GLN C 37 -5.76 8.94 0.06
C GLN C 37 -4.66 8.16 0.77
N SER C 38 -4.05 7.18 0.11
CA SER C 38 -3.00 6.42 0.77
C SER C 38 -1.68 7.18 0.80
N LEU C 39 -1.45 8.04 -0.19
CA LEU C 39 -0.21 8.82 -0.21
C LEU C 39 -0.18 9.80 0.98
N LEU C 40 -1.29 10.49 1.23
CA LEU C 40 -1.37 11.46 2.34
C LEU C 40 -1.33 10.76 3.71
N LEU C 41 -1.95 9.58 3.83
CA LEU C 41 -1.88 8.90 5.13
C LEU C 41 -0.43 8.46 5.37
N SER C 42 0.26 8.05 4.29
CA SER C 42 1.66 7.64 4.43
C SER C 42 2.51 8.85 4.86
N ALA C 43 2.19 10.04 4.34
CA ALA C 43 2.96 11.22 4.71
C ALA C 43 2.66 11.57 6.17
N GLN C 44 1.43 11.31 6.60
CA GLN C 44 1.05 11.59 7.99
C GLN C 44 1.82 10.67 8.93
N ILE C 45 1.81 9.40 8.59
CA ILE C 45 2.49 8.37 9.37
C ILE C 45 4.02 8.51 9.48
N THR C 46 4.65 9.09 8.46
CA THR C 46 6.10 9.22 8.46
C THR C 46 6.59 10.64 8.74
N GLY C 47 5.69 11.51 9.20
CA GLY C 47 6.08 12.88 9.51
C GLY C 47 6.64 13.71 8.35
N MET C 48 6.17 13.47 7.13
CA MET C 48 6.66 14.25 5.99
C MET C 48 6.11 15.68 6.01
N THR C 49 6.85 16.58 5.37
CA THR C 49 6.40 17.96 5.26
C THR C 49 5.72 18.05 3.90
N VAL C 50 4.48 18.52 3.86
CA VAL C 50 3.80 18.63 2.59
C VAL C 50 3.39 20.05 2.28
N THR C 51 3.35 20.36 1.00
CA THR C 51 2.92 21.67 0.52
C THR C 51 1.72 21.38 -0.36
N ILE C 52 0.60 21.99 -0.03
CA ILE C 52 -0.60 21.83 -0.82
C ILE C 52 -0.79 23.11 -1.64
N LYS C 53 -0.96 22.95 -2.96
CA LYS C 53 -1.15 24.07 -3.88
C LYS C 53 -2.59 24.09 -4.37
N THR C 54 -3.28 25.21 -4.15
CA THR C 54 -4.65 25.36 -4.60
C THR C 54 -5.09 26.83 -4.59
N ASN C 55 -6.00 27.17 -5.50
CA ASN C 55 -6.54 28.54 -5.60
C ASN C 55 -7.67 28.71 -4.60
N ALA C 56 -8.20 27.59 -4.11
CA ALA C 56 -9.28 27.61 -3.12
C ALA C 56 -8.64 27.46 -1.75
N CYS C 57 -7.73 28.39 -1.43
CA CYS C 57 -7.02 28.34 -0.16
C CYS C 57 -7.81 28.89 1.03
N HIS C 58 -8.77 28.11 1.48
CA HIS C 58 -9.62 28.47 2.61
C HIS C 58 -10.21 27.18 3.15
N ASN C 59 -10.67 27.19 4.39
CA ASN C 59 -11.25 25.99 4.98
C ASN C 59 -12.36 25.45 4.09
N GLY C 60 -12.33 24.15 3.86
CA GLY C 60 -13.33 23.52 3.01
C GLY C 60 -12.97 23.55 1.54
N GLY C 61 -11.92 24.30 1.17
CA GLY C 61 -11.52 24.35 -0.23
C GLY C 61 -10.93 23.03 -0.74
N GLY C 62 -11.00 22.78 -2.05
CA GLY C 62 -10.47 21.54 -2.57
C GLY C 62 -9.08 21.69 -3.16
N PHE C 63 -8.40 20.57 -3.37
CA PHE C 63 -7.07 20.59 -3.99
C PHE C 63 -6.80 19.27 -4.69
N SER C 64 -5.77 19.27 -5.52
CA SER C 64 -5.34 18.07 -6.22
C SER C 64 -3.82 18.04 -6.27
N GLU C 65 -3.16 19.18 -6.04
CA GLU C 65 -1.70 19.25 -6.09
C GLU C 65 -1.03 19.28 -4.74
N VAL C 66 -0.09 18.35 -4.56
CA VAL C 66 0.64 18.23 -3.31
C VAL C 66 2.11 17.89 -3.54
N ILE C 67 2.99 18.54 -2.80
CA ILE C 67 4.42 18.25 -2.90
C ILE C 67 4.79 17.51 -1.59
N PHE C 68 5.47 16.38 -1.72
CA PHE C 68 5.85 15.61 -0.54
C PHE C 68 7.36 15.74 -0.33
N ARG C 69 7.78 16.25 0.83
CA ARG C 69 9.20 16.40 1.11
C ARG C 69 9.62 15.58 2.31
N THR D 1 17.04 1.62 -22.96
CA THR D 1 16.87 3.07 -22.66
C THR D 1 18.05 3.53 -21.81
N PRO D 2 18.66 4.68 -22.17
CA PRO D 2 19.81 5.18 -21.40
C PRO D 2 19.48 5.74 -20.01
N ASP D 3 20.43 5.61 -19.11
CA ASP D 3 20.26 6.14 -17.77
C ASP D 3 20.17 7.66 -17.91
N CYS D 4 19.36 8.28 -17.06
CA CYS D 4 19.22 9.72 -17.08
C CYS D 4 19.81 10.26 -15.76
N VAL D 5 19.23 9.86 -14.64
CA VAL D 5 19.74 10.28 -13.33
C VAL D 5 19.67 9.14 -12.32
N THR D 6 20.61 9.15 -11.39
CA THR D 6 20.67 8.17 -10.32
C THR D 6 20.82 8.95 -9.02
N GLY D 7 20.08 8.55 -7.99
CA GLY D 7 20.22 9.24 -6.72
C GLY D 7 19.04 8.99 -5.81
N LYS D 8 18.97 9.72 -4.70
CA LYS D 8 17.85 9.58 -3.78
C LYS D 8 16.74 10.53 -4.21
N VAL D 9 15.49 10.20 -3.89
CA VAL D 9 14.37 11.05 -4.27
C VAL D 9 14.35 12.28 -3.36
N GLU D 10 14.52 13.45 -3.96
CA GLU D 10 14.52 14.70 -3.21
C GLU D 10 13.07 15.07 -2.82
N TYR D 11 12.14 15.02 -3.77
CA TYR D 11 10.73 15.26 -3.46
C TYR D 11 9.89 14.67 -4.57
N THR D 12 8.59 14.52 -4.30
CA THR D 12 7.65 14.01 -5.29
C THR D 12 6.46 14.95 -5.32
N LYS D 13 5.70 14.94 -6.41
CA LYS D 13 4.56 15.83 -6.52
C LYS D 13 3.41 15.21 -7.29
N TYR D 14 2.20 15.30 -6.74
CA TYR D 14 1.02 14.79 -7.43
C TYR D 14 0.50 15.99 -8.25
N ASN D 15 0.27 15.79 -9.54
CA ASN D 15 -0.16 16.85 -10.43
C ASN D 15 -1.65 16.86 -10.69
N ASP D 16 -2.14 18.01 -11.14
CA ASP D 16 -3.56 18.19 -11.39
C ASP D 16 -4.12 17.24 -12.46
N ASP D 17 -3.27 16.80 -13.38
CA ASP D 17 -3.70 15.88 -14.45
C ASP D 17 -3.50 14.41 -14.05
N ASP D 18 -3.22 14.19 -12.77
CA ASP D 18 -3.00 12.85 -12.21
C ASP D 18 -1.67 12.20 -12.58
N THR D 19 -0.72 12.99 -13.07
CA THR D 19 0.61 12.43 -13.37
C THR D 19 1.38 12.67 -12.08
N PHE D 20 2.59 12.12 -12.00
CA PHE D 20 3.40 12.23 -10.80
C PHE D 20 4.79 12.74 -11.18
N THR D 21 5.27 13.74 -10.45
CA THR D 21 6.58 14.31 -10.71
C THR D 21 7.57 13.91 -9.60
N VAL D 22 8.80 13.67 -10.00
CA VAL D 22 9.84 13.29 -9.05
C VAL D 22 11.10 14.12 -9.33
N LYS D 23 11.80 14.49 -8.27
CA LYS D 23 13.05 15.23 -8.39
C LYS D 23 14.16 14.31 -7.87
N VAL D 24 15.05 13.90 -8.78
CA VAL D 24 16.18 13.04 -8.47
C VAL D 24 17.41 13.71 -9.07
N GLY D 25 18.46 13.86 -8.28
CA GLY D 25 19.65 14.53 -8.79
C GLY D 25 19.31 15.96 -9.17
N ASP D 26 19.64 16.38 -10.39
CA ASP D 26 19.35 17.74 -10.81
C ASP D 26 18.19 17.83 -11.81
N LYS D 27 17.40 16.78 -11.90
CA LYS D 27 16.29 16.73 -12.83
C LYS D 27 14.92 16.53 -12.19
N GLU D 28 13.94 17.24 -12.73
CA GLU D 28 12.55 17.09 -12.30
C GLU D 28 11.86 16.39 -13.48
N LEU D 29 11.38 15.17 -13.27
CA LEU D 29 10.76 14.36 -14.33
C LEU D 29 9.36 13.89 -13.94
N PHE D 30 8.52 13.56 -14.91
CA PHE D 30 7.18 13.10 -14.57
C PHE D 30 6.88 11.76 -15.24
N THR D 31 5.89 11.05 -14.71
CA THR D 31 5.45 9.77 -15.26
C THR D 31 3.93 9.71 -15.20
N ASN D 32 3.34 9.07 -16.21
CA ASN D 32 1.90 8.92 -16.26
C ASN D 32 1.47 7.51 -15.84
N ARG D 33 2.39 6.70 -15.34
CA ARG D 33 2.05 5.34 -14.92
C ARG D 33 1.55 5.39 -13.49
N TRP D 34 0.26 5.08 -13.33
CA TRP D 34 -0.36 5.11 -12.02
C TRP D 34 0.31 4.22 -10.96
N ASN D 35 0.75 3.03 -11.34
CA ASN D 35 1.40 2.11 -10.41
C ASN D 35 2.64 2.70 -9.78
N LEU D 36 3.39 3.50 -10.55
CA LEU D 36 4.63 4.09 -10.03
C LEU D 36 4.46 5.12 -8.91
N GLN D 37 3.25 5.64 -8.71
CA GLN D 37 3.04 6.65 -7.68
C GLN D 37 3.35 6.16 -6.27
N SER D 38 2.82 5.00 -5.88
CA SER D 38 3.11 4.51 -4.54
C SER D 38 4.48 3.90 -4.44
N LEU D 39 5.00 3.34 -5.53
CA LEU D 39 6.34 2.75 -5.49
C LEU D 39 7.40 3.84 -5.27
N LEU D 40 7.27 4.97 -5.96
CA LEU D 40 8.23 6.07 -5.81
C LEU D 40 8.11 6.74 -4.45
N LEU D 41 6.91 6.87 -3.91
CA LEU D 41 6.79 7.49 -2.59
C LEU D 41 7.45 6.54 -1.56
N SER D 42 7.28 5.23 -1.74
CA SER D 42 7.89 4.26 -0.83
C SER D 42 9.41 4.35 -0.93
N ALA D 43 9.94 4.61 -2.12
CA ALA D 43 11.39 4.72 -2.27
C ALA D 43 11.87 6.01 -1.60
N GLN D 44 11.02 7.04 -1.65
CA GLN D 44 11.37 8.32 -1.02
C GLN D 44 11.42 8.14 0.49
N ILE D 45 10.38 7.52 1.03
CA ILE D 45 10.26 7.26 2.47
C ILE D 45 11.34 6.36 3.06
N THR D 46 11.87 5.44 2.27
CA THR D 46 12.88 4.53 2.79
C THR D 46 14.32 4.83 2.33
N GLY D 47 14.53 6.01 1.76
CA GLY D 47 15.86 6.39 1.32
C GLY D 47 16.50 5.50 0.27
N MET D 48 15.69 4.92 -0.63
CA MET D 48 16.26 4.07 -1.67
C MET D 48 16.99 4.89 -2.75
N THR D 49 17.93 4.25 -3.43
CA THR D 49 18.64 4.90 -4.51
C THR D 49 17.92 4.47 -5.78
N VAL D 50 17.47 5.43 -6.58
CA VAL D 50 16.79 5.05 -7.81
C VAL D 50 17.51 5.57 -9.04
N THR D 51 17.36 4.83 -10.13
CA THR D 51 17.95 5.19 -11.41
C THR D 51 16.77 5.30 -12.36
N ILE D 52 16.57 6.48 -12.94
CA ILE D 52 15.50 6.68 -13.89
C ILE D 52 16.11 6.64 -15.30
N LYS D 53 15.54 5.81 -16.17
CA LYS D 53 16.00 5.67 -17.54
C LYS D 53 14.98 6.30 -18.48
N THR D 54 15.44 7.26 -19.29
CA THR D 54 14.57 7.92 -20.26
C THR D 54 15.37 8.68 -21.30
N ASN D 55 14.82 8.77 -22.52
CA ASN D 55 15.45 9.49 -23.63
C ASN D 55 15.15 10.99 -23.51
N ALA D 56 14.12 11.32 -22.73
CA ALA D 56 13.74 12.71 -22.51
C ALA D 56 14.40 13.15 -21.21
N CYS D 57 15.73 13.08 -21.18
CA CYS D 57 16.48 13.45 -19.99
C CYS D 57 16.71 14.95 -19.84
N HIS D 58 15.64 15.66 -19.49
CA HIS D 58 15.70 17.10 -19.27
C HIS D 58 14.51 17.45 -18.36
N ASN D 59 14.58 18.60 -17.70
CA ASN D 59 13.51 19.00 -16.81
C ASN D 59 12.17 18.97 -17.54
N GLY D 60 11.17 18.37 -16.90
CA GLY D 60 9.87 18.26 -17.51
C GLY D 60 9.72 17.02 -18.38
N GLY D 61 10.82 16.31 -18.65
CA GLY D 61 10.74 15.11 -19.48
C GLY D 61 10.00 13.97 -18.81
N GLY D 62 9.43 13.05 -19.58
CA GLY D 62 8.69 11.95 -19.00
C GLY D 62 9.50 10.68 -18.90
N PHE D 63 9.04 9.73 -18.10
CA PHE D 63 9.72 8.46 -17.99
C PHE D 63 8.72 7.39 -17.57
N SER D 64 9.14 6.14 -17.71
CA SER D 64 8.33 5.00 -17.30
C SER D 64 9.25 3.95 -16.67
N GLU D 65 10.56 4.02 -16.94
CA GLU D 65 11.50 3.03 -16.41
C GLU D 65 12.32 3.50 -15.22
N VAL D 66 12.24 2.73 -14.14
CA VAL D 66 12.95 3.05 -12.91
C VAL D 66 13.55 1.79 -12.27
N ILE D 67 14.78 1.91 -11.79
CA ILE D 67 15.43 0.81 -11.09
C ILE D 67 15.47 1.23 -9.61
N PHE D 68 15.02 0.34 -8.72
CA PHE D 68 15.01 0.62 -7.29
C PHE D 68 16.10 -0.19 -6.62
N ARG D 69 17.05 0.48 -5.96
CA ARG D 69 18.11 -0.26 -5.27
C ARG D 69 18.09 0.08 -3.79
N THR E 1 5.52 -26.38 -9.70
CA THR E 1 6.57 -25.59 -10.42
C THR E 1 7.86 -25.68 -9.61
N PRO E 2 8.99 -25.96 -10.27
CA PRO E 2 10.27 -26.05 -9.57
C PRO E 2 10.86 -24.72 -9.10
N ASP E 3 11.60 -24.77 -8.00
CA ASP E 3 12.25 -23.58 -7.48
C ASP E 3 13.27 -23.15 -8.50
N CYS E 4 13.46 -21.84 -8.64
CA CYS E 4 14.43 -21.32 -9.57
C CYS E 4 15.55 -20.66 -8.77
N VAL E 5 15.21 -19.66 -7.97
CA VAL E 5 16.19 -18.97 -7.13
C VAL E 5 15.58 -18.58 -5.79
N THR E 6 16.42 -18.57 -4.77
CA THR E 6 16.02 -18.19 -3.42
C THR E 6 17.03 -17.18 -2.93
N GLY E 7 16.57 -16.11 -2.30
CA GLY E 7 17.50 -15.12 -1.78
C GLY E 7 16.83 -13.79 -1.50
N LYS E 8 17.62 -12.77 -1.19
CA LYS E 8 17.08 -11.45 -0.94
C LYS E 8 16.98 -10.70 -2.27
N VAL E 9 16.05 -9.76 -2.37
CA VAL E 9 15.88 -9.00 -3.60
C VAL E 9 17.03 -7.99 -3.75
N GLU E 10 17.81 -8.11 -4.81
CA GLU E 10 18.93 -7.20 -5.03
C GLU E 10 18.45 -5.87 -5.61
N TYR E 11 17.54 -5.91 -6.57
CA TYR E 11 16.95 -4.70 -7.10
C TYR E 11 15.70 -5.07 -7.85
N THR E 12 14.87 -4.07 -8.12
CA THR E 12 13.63 -4.28 -8.88
C THR E 12 13.59 -3.20 -9.95
N LYS E 13 12.83 -3.44 -11.01
CA LYS E 13 12.75 -2.47 -12.09
C LYS E 13 11.37 -2.44 -12.71
N TYR E 14 10.84 -1.22 -12.90
CA TYR E 14 9.53 -1.07 -13.54
C TYR E 14 9.86 -0.90 -15.04
N ASN E 15 9.23 -1.69 -15.88
CA ASN E 15 9.51 -1.67 -17.32
C ASN E 15 8.52 -0.84 -18.12
N ASP E 16 8.94 -0.47 -19.33
CA ASP E 16 8.13 0.37 -20.19
C ASP E 16 6.80 -0.28 -20.58
N ASP E 17 6.75 -1.61 -20.61
CA ASP E 17 5.51 -2.32 -20.95
C ASP E 17 4.67 -2.65 -19.71
N ASP E 18 5.01 -2.02 -18.58
CA ASP E 18 4.32 -2.20 -17.31
C ASP E 18 4.57 -3.55 -16.62
N THR E 19 5.59 -4.28 -17.05
CA THR E 19 5.93 -5.53 -16.38
C THR E 19 6.92 -5.11 -15.30
N PHE E 20 7.32 -6.03 -14.44
CA PHE E 20 8.21 -5.72 -13.33
C PHE E 20 9.33 -6.75 -13.33
N THR E 21 10.57 -6.27 -13.21
CA THR E 21 11.73 -7.15 -13.19
C THR E 21 12.35 -7.19 -11.79
N VAL E 22 12.83 -8.35 -11.40
CA VAL E 22 13.44 -8.50 -10.10
C VAL E 22 14.75 -9.29 -10.26
N LYS E 23 15.75 -8.91 -9.46
CA LYS E 23 17.03 -9.61 -9.48
C LYS E 23 17.19 -10.29 -8.12
N VAL E 24 17.18 -11.61 -8.12
CA VAL E 24 17.33 -12.43 -6.92
C VAL E 24 18.43 -13.44 -7.24
N GLY E 25 19.40 -13.59 -6.35
CA GLY E 25 20.49 -14.52 -6.60
C GLY E 25 21.24 -14.09 -7.86
N ASP E 26 21.42 -15.01 -8.81
CA ASP E 26 22.13 -14.68 -10.03
C ASP E 26 21.22 -14.55 -11.25
N LYS E 27 19.92 -14.39 -11.01
CA LYS E 27 18.93 -14.30 -12.09
C LYS E 27 18.12 -13.02 -12.10
N GLU E 28 17.87 -12.51 -13.30
CA GLU E 28 17.03 -11.34 -13.48
C GLU E 28 15.76 -11.91 -14.15
N LEU E 29 14.62 -11.80 -13.48
CA LEU E 29 13.38 -12.36 -13.98
C LEU E 29 12.27 -11.32 -13.99
N PHE E 30 11.26 -11.50 -14.83
CA PHE E 30 10.17 -10.52 -14.87
C PHE E 30 8.81 -11.19 -14.64
N THR E 31 7.82 -10.38 -14.25
CA THR E 31 6.46 -10.86 -14.06
C THR E 31 5.48 -9.83 -14.61
N ASN E 32 4.38 -10.32 -15.17
CA ASN E 32 3.36 -9.44 -15.72
C ASN E 32 2.16 -9.30 -14.76
N ARG E 33 2.26 -9.85 -13.55
CA ARG E 33 1.15 -9.77 -12.59
C ARG E 33 1.28 -8.43 -11.85
N TRP E 34 0.31 -7.56 -12.05
CA TRP E 34 0.33 -6.24 -11.44
C TRP E 34 0.34 -6.22 -9.92
N ASN E 35 -0.36 -7.17 -9.28
CA ASN E 35 -0.40 -7.27 -7.82
C ASN E 35 0.99 -7.50 -7.24
N LEU E 36 1.83 -8.25 -7.95
CA LEU E 36 3.16 -8.55 -7.41
C LEU E 36 4.12 -7.36 -7.34
N GLN E 37 3.81 -6.27 -8.01
CA GLN E 37 4.71 -5.11 -8.00
C GLN E 37 4.92 -4.52 -6.60
N SER E 38 3.84 -4.27 -5.86
CA SER E 38 4.01 -3.71 -4.53
C SER E 38 4.45 -4.74 -3.52
N LEU E 39 4.05 -6.00 -3.72
CA LEU E 39 4.45 -7.06 -2.80
C LEU E 39 5.97 -7.28 -2.85
N LEU E 40 6.54 -7.30 -4.06
CA LEU E 40 7.98 -7.49 -4.22
C LEU E 40 8.77 -6.29 -3.74
N LEU E 41 8.28 -5.07 -3.95
CA LEU E 41 9.02 -3.91 -3.46
C LEU E 41 9.02 -3.96 -1.93
N SER E 42 7.88 -4.37 -1.33
CA SER E 42 7.80 -4.48 0.13
C SER E 42 8.80 -5.52 0.64
N ALA E 43 8.98 -6.61 -0.11
CA ALA E 43 9.92 -7.64 0.33
C ALA E 43 11.35 -7.11 0.20
N GLN E 44 11.57 -6.28 -0.80
CA GLN E 44 12.90 -5.68 -0.99
C GLN E 44 13.21 -4.74 0.17
N ILE E 45 12.25 -3.87 0.48
CA ILE E 45 12.37 -2.89 1.56
C ILE E 45 12.53 -3.49 2.97
N THR E 46 11.95 -4.67 3.21
CA THR E 46 12.04 -5.28 4.52
C THR E 46 13.03 -6.46 4.62
N GLY E 47 13.89 -6.61 3.61
CA GLY E 47 14.87 -7.67 3.63
C GLY E 47 14.33 -9.09 3.72
N MET E 48 13.17 -9.35 3.12
CA MET E 48 12.60 -10.70 3.15
C MET E 48 13.37 -11.64 2.23
N THR E 49 13.29 -12.93 2.51
CA THR E 49 13.91 -13.93 1.67
C THR E 49 12.80 -14.44 0.76
N VAL E 50 13.02 -14.42 -0.55
CA VAL E 50 12.00 -14.89 -1.44
C VAL E 50 12.49 -16.04 -2.29
N THR E 51 11.55 -16.91 -2.66
CA THR E 51 11.84 -18.04 -3.53
C THR E 51 10.92 -17.86 -4.72
N ILE E 52 11.52 -17.76 -5.90
CA ILE E 52 10.74 -17.63 -7.11
C ILE E 52 10.72 -19.00 -7.79
N LYS E 53 9.52 -19.45 -8.15
CA LYS E 53 9.33 -20.73 -8.82
C LYS E 53 8.91 -20.51 -10.27
N THR E 54 9.68 -21.06 -11.20
CA THR E 54 9.37 -20.93 -12.61
C THR E 54 10.13 -21.95 -13.46
N ASN E 55 9.53 -22.36 -14.57
CA ASN E 55 10.16 -23.31 -15.50
C ASN E 55 11.10 -22.56 -16.44
N ALA E 56 10.93 -21.24 -16.53
CA ALA E 56 11.78 -20.40 -17.37
C ALA E 56 12.87 -19.83 -16.48
N CYS E 57 13.64 -20.72 -15.86
CA CYS E 57 14.69 -20.30 -14.96
C CYS E 57 15.98 -19.87 -15.64
N HIS E 58 15.95 -18.70 -16.26
CA HIS E 58 17.11 -18.13 -16.95
C HIS E 58 16.88 -16.62 -17.04
N ASN E 59 17.94 -15.86 -17.25
CA ASN E 59 17.83 -14.42 -17.34
C ASN E 59 16.78 -14.04 -18.35
N GLY E 60 15.90 -13.12 -17.97
CA GLY E 60 14.84 -12.69 -18.85
C GLY E 60 13.60 -13.56 -18.77
N GLY E 61 13.69 -14.70 -18.07
CA GLY E 61 12.52 -15.58 -17.95
C GLY E 61 11.38 -14.98 -17.12
N GLY E 62 10.15 -15.42 -17.35
CA GLY E 62 9.04 -14.86 -16.60
C GLY E 62 8.63 -15.75 -15.44
N PHE E 63 7.86 -15.20 -14.51
CA PHE E 63 7.38 -15.99 -13.38
C PHE E 63 6.09 -15.36 -12.86
N SER E 64 5.38 -16.12 -12.04
CA SER E 64 4.16 -15.67 -11.41
C SER E 64 4.12 -16.19 -9.97
N GLU E 65 4.92 -17.21 -9.66
CA GLU E 65 4.91 -17.79 -8.31
C GLU E 65 6.08 -17.39 -7.46
N VAL E 66 5.77 -16.85 -6.28
CA VAL E 66 6.77 -16.40 -5.33
C VAL E 66 6.39 -16.74 -3.89
N ILE E 67 7.36 -17.21 -3.11
CA ILE E 67 7.14 -17.49 -1.70
C ILE E 67 7.87 -16.39 -0.93
N PHE E 68 7.18 -15.77 0.02
CA PHE E 68 7.77 -14.71 0.83
C PHE E 68 8.02 -15.22 2.24
N ARG E 69 9.27 -15.20 2.69
CA ARG E 69 9.57 -15.65 4.05
C ARG E 69 10.22 -14.50 4.85
#